data_6SI4
#
_entry.id   6SI4
#
_cell.length_a   65.220
_cell.length_b   71.193
_cell.length_c   105.159
_cell.angle_alpha   90.000
_cell.angle_beta   90.000
_cell.angle_gamma   90.000
#
_symmetry.space_group_name_H-M   'P 21 21 21'
#
loop_
_entity.id
_entity.type
_entity.pdbx_description
1 polymer 'Cellular tumor antigen p53'
2 non-polymer 'ZINC ION'
3 non-polymer 1-[9-ethyl-7-(1,3-thiazol-4-yl)carbazol-3-yl]-~{N}-methyl-methanamine
4 non-polymer GLYCEROL
5 water water
#
_entity_poly.entity_id   1
_entity_poly.type   'polypeptide(L)'
_entity_poly.pdbx_seq_one_letter_code
;SSSVPSQKTYQGSYGFRLGFLHSGTAKSVTCTYSPALNKLFCQLAKTCPVQLWVDSTPPPGTRVRAMAIYKQSQHMTEVV
RRCPHHERCSDSDGLAPPQHLIRVEGNLRAEYLDDRNTFRHSVVVPSEPPEVGSDCTTIHYNYMCYSSCMGGMNRRPILT
IITLEDSSGNLLGRDSFEVRVCACPGRDRRTEEENLRKKGEPHHELPPGSTKRALPNNT
;
_entity_poly.pdbx_strand_id   A,B
#
loop_
_chem_comp.id
_chem_comp.type
_chem_comp.name
_chem_comp.formula
GOL non-polymer GLYCEROL 'C3 H8 O3'
LEK non-polymer 1-[9-ethyl-7-(1,3-thiazol-4-yl)carbazol-3-yl]-~{N}-methyl-methanamine 'C19 H19 N3 S'
ZN non-polymer 'ZINC ION' 'Zn 2'
#
# COMPACT_ATOMS: atom_id res chain seq x y z
N SER A 3 10.86 8.28 0.83
CA SER A 3 10.40 8.79 -0.46
C SER A 3 8.89 8.66 -0.64
N VAL A 4 8.29 7.63 -0.03
CA VAL A 4 6.85 7.45 -0.05
C VAL A 4 6.34 7.13 1.36
N PRO A 5 5.57 8.02 1.98
CA PRO A 5 5.06 7.75 3.33
C PRO A 5 4.16 6.53 3.36
N SER A 6 4.18 5.81 4.49
CA SER A 6 3.35 4.62 4.63
C SER A 6 1.88 4.97 4.64
N GLN A 7 1.06 4.08 4.10
CA GLN A 7 -0.40 4.19 4.17
C GLN A 7 -1.02 2.98 4.87
N LYS A 8 -0.23 2.22 5.62
CA LYS A 8 -0.76 1.05 6.30
C LYS A 8 -1.65 1.47 7.47
N THR A 9 -2.89 0.96 7.47
CA THR A 9 -3.78 1.20 8.60
C THR A 9 -3.17 0.61 9.87
N TYR A 10 -3.25 1.37 10.97
CA TYR A 10 -2.56 1.00 12.20
C TYR A 10 -3.32 1.65 13.35
N GLN A 11 -4.09 0.85 14.10
CA GLN A 11 -4.86 1.45 15.19
C GLN A 11 -3.97 1.86 16.37
N GLY A 12 -2.86 1.15 16.58
CA GLY A 12 -1.97 1.52 17.67
C GLY A 12 -2.59 1.27 19.05
N SER A 13 -1.86 1.74 20.07
CA SER A 13 -2.24 1.45 21.45
C SER A 13 -3.52 2.13 21.87
N TYR A 14 -3.89 3.23 21.22
CA TYR A 14 -5.08 3.97 21.60
C TYR A 14 -6.30 3.61 20.77
N GLY A 15 -6.16 2.71 19.80
CA GLY A 15 -7.29 2.31 18.99
C GLY A 15 -7.75 3.38 18.02
N PHE A 16 -6.80 4.07 17.39
CA PHE A 16 -7.11 5.23 16.55
C PHE A 16 -7.71 4.84 15.20
N ARG A 17 -8.81 5.49 14.83
CA ARG A 17 -9.36 5.33 13.49
C ARG A 17 -10.26 6.50 13.18
N LEU A 18 -10.58 6.64 11.90
CA LEU A 18 -11.40 7.75 11.41
C LEU A 18 -12.88 7.36 11.38
N GLY A 19 -13.73 8.38 11.27
CA GLY A 19 -15.13 8.16 10.98
C GLY A 19 -15.64 9.26 10.08
N PHE A 20 -16.73 8.97 9.37
CA PHE A 20 -17.29 9.93 8.43
C PHE A 20 -18.80 10.02 8.61
N LEU A 21 -19.34 11.21 8.32
CA LEU A 21 -20.78 11.41 8.38
C LEU A 21 -21.46 10.66 7.24
N HIS A 22 -22.79 10.54 7.34
CA HIS A 22 -23.60 9.93 6.30
C HIS A 22 -24.38 11.04 5.61
N SER A 23 -23.81 11.56 4.53
CA SER A 23 -24.30 12.77 3.90
C SER A 23 -25.16 12.53 2.68
N GLY A 24 -25.25 11.30 2.20
CA GLY A 24 -26.09 11.02 1.04
C GLY A 24 -25.43 11.44 -0.26
N THR A 25 -26.20 11.32 -1.34
CA THR A 25 -25.66 11.50 -2.68
C THR A 25 -26.52 12.43 -3.53
N ALA A 26 -27.27 13.32 -2.89
CA ALA A 26 -28.07 14.30 -3.62
C ALA A 26 -27.16 15.18 -4.47
N LYS A 27 -27.72 15.70 -5.56
CA LYS A 27 -26.92 16.54 -6.45
C LYS A 27 -26.37 17.77 -5.74
N SER A 28 -26.98 18.19 -4.65
CA SER A 28 -26.58 19.41 -3.94
C SER A 28 -25.57 19.16 -2.81
N VAL A 29 -25.17 17.91 -2.57
CA VAL A 29 -24.28 17.64 -1.44
C VAL A 29 -22.87 18.12 -1.78
N THR A 30 -22.16 18.64 -0.78
CA THR A 30 -20.85 19.24 -1.02
C THR A 30 -19.71 18.34 -0.56
N CYS A 31 -20.01 17.29 0.19
CA CYS A 31 -19.00 16.39 0.72
C CYS A 31 -19.72 15.10 1.10
N THR A 32 -19.25 13.97 0.58
CA THR A 32 -19.92 12.72 0.93
C THR A 32 -18.89 11.59 0.87
N TYR A 33 -18.99 10.66 1.82
CA TYR A 33 -18.01 9.59 1.96
C TYR A 33 -18.61 8.26 1.52
N SER A 34 -17.86 7.50 0.73
CA SER A 34 -18.29 6.18 0.30
C SER A 34 -17.54 5.11 1.08
N PRO A 35 -18.20 4.38 1.99
CA PRO A 35 -17.51 3.27 2.66
C PRO A 35 -17.08 2.16 1.71
N ALA A 36 -17.90 1.87 0.68
CA ALA A 36 -17.57 0.76 -0.21
C ALA A 36 -16.30 1.04 -1.03
N LEU A 37 -16.01 2.31 -1.29
CA LEU A 37 -14.82 2.71 -2.01
C LEU A 37 -13.71 3.25 -1.11
N ASN A 38 -13.98 3.40 0.19
CA ASN A 38 -13.13 4.17 1.13
C ASN A 38 -12.67 5.47 0.47
N LYS A 39 -13.64 6.25 -0.01
CA LYS A 39 -13.33 7.42 -0.82
C LYS A 39 -14.23 8.57 -0.42
N LEU A 40 -13.64 9.74 -0.22
CA LEU A 40 -14.39 10.96 0.09
C LEU A 40 -14.57 11.77 -1.20
N PHE A 41 -15.80 12.22 -1.48
CA PHE A 41 -16.02 13.11 -2.62
C PHE A 41 -16.42 14.48 -2.08
N CYS A 42 -15.73 15.52 -2.53
CA CYS A 42 -16.00 16.85 -2.02
C CYS A 42 -15.82 17.91 -3.11
N GLN A 43 -16.49 19.03 -2.92
CA GLN A 43 -16.34 20.18 -3.78
C GLN A 43 -15.13 21.00 -3.36
N LEU A 44 -14.68 21.85 -4.28
CA LEU A 44 -13.48 22.64 -4.05
C LEU A 44 -13.63 23.56 -2.86
N ALA A 45 -12.70 23.46 -1.91
CA ALA A 45 -12.57 24.38 -0.78
C ALA A 45 -13.78 24.37 0.16
N LYS A 46 -14.57 23.30 0.14
CA LYS A 46 -15.72 23.17 1.02
C LYS A 46 -15.35 22.34 2.25
N THR A 47 -16.11 22.55 3.32
CA THR A 47 -15.84 21.89 4.59
C THR A 47 -16.00 20.37 4.45
N CYS A 48 -14.96 19.63 4.85
CA CYS A 48 -15.00 18.16 4.92
C CYS A 48 -14.81 17.72 6.36
N PRO A 49 -15.89 17.34 7.06
CA PRO A 49 -15.74 16.85 8.44
C PRO A 49 -15.17 15.44 8.48
N VAL A 50 -14.10 15.27 9.24
CA VAL A 50 -13.48 13.97 9.46
C VAL A 50 -13.47 13.72 10.96
N GLN A 51 -14.09 12.63 11.40
CA GLN A 51 -14.12 12.27 12.81
C GLN A 51 -12.86 11.53 13.22
N LEU A 52 -12.45 11.74 14.46
CA LEU A 52 -11.37 10.99 15.09
C LEU A 52 -11.91 10.15 16.25
N TRP A 53 -11.62 8.85 16.24
CA TRP A 53 -12.06 7.93 17.29
C TRP A 53 -10.87 7.25 17.94
N VAL A 54 -10.91 7.12 19.27
CA VAL A 54 -9.93 6.32 20.01
C VAL A 54 -10.64 5.55 21.10
N ASP A 55 -10.07 4.41 21.48
CA ASP A 55 -10.60 3.59 22.56
C ASP A 55 -10.12 4.04 23.94
N SER A 56 -8.99 4.74 24.01
CA SER A 56 -8.48 5.25 25.27
C SER A 56 -7.79 6.59 25.03
N THR A 57 -7.59 7.31 26.13
CA THR A 57 -7.17 8.71 26.07
C THR A 57 -5.69 8.82 25.74
N PRO A 58 -5.31 9.53 24.69
CA PRO A 58 -3.89 9.72 24.40
C PRO A 58 -3.29 10.82 25.26
N PRO A 59 -1.96 10.91 25.32
CA PRO A 59 -1.32 11.86 26.24
C PRO A 59 -1.46 13.30 25.77
N PRO A 60 -1.38 14.27 26.68
CA PRO A 60 -1.29 15.67 26.26
C PRO A 60 -0.12 15.86 25.32
N GLY A 61 -0.35 16.65 24.27
CA GLY A 61 0.69 16.90 23.27
C GLY A 61 0.63 15.95 22.09
N THR A 62 -0.25 14.94 22.13
CA THR A 62 -0.54 14.15 20.94
C THR A 62 -1.06 15.07 19.82
N ARG A 63 -0.71 14.74 18.58
CA ARG A 63 -1.07 15.57 17.43
C ARG A 63 -1.66 14.71 16.31
N VAL A 64 -2.31 15.38 15.35
CA VAL A 64 -3.00 14.71 14.25
C VAL A 64 -2.58 15.37 12.96
N ARG A 65 -1.95 14.62 12.06
CA ARG A 65 -1.37 15.16 10.84
C ARG A 65 -2.11 14.63 9.61
N ALA A 66 -2.29 15.48 8.60
CA ALA A 66 -2.88 15.08 7.32
C ALA A 66 -1.90 15.36 6.19
N MET A 67 -1.76 14.39 5.29
CA MET A 67 -0.87 14.52 4.14
C MET A 67 -1.52 13.81 2.97
N ALA A 68 -1.30 14.34 1.76
CA ALA A 68 -1.81 13.73 0.54
C ALA A 68 -0.67 13.08 -0.25
N ILE A 69 -0.95 11.92 -0.83
CA ILE A 69 -0.04 11.28 -1.78
C ILE A 69 -0.84 10.79 -2.98
N TYR A 70 -0.15 10.61 -4.10
CA TYR A 70 -0.81 10.01 -5.25
C TYR A 70 -1.02 8.51 -5.03
N LYS A 71 -2.18 8.03 -5.44
CA LYS A 71 -2.57 6.64 -5.21
C LYS A 71 -1.84 5.68 -6.14
N GLN A 72 -1.59 6.09 -7.38
CA GLN A 72 -1.03 5.19 -8.40
C GLN A 72 0.48 5.03 -8.22
N SER A 73 0.95 3.79 -8.42
CA SER A 73 2.37 3.47 -8.25
C SER A 73 3.28 4.44 -9.01
N GLN A 74 2.97 4.69 -10.27
CA GLN A 74 3.87 5.49 -11.09
C GLN A 74 3.91 6.95 -10.69
N HIS A 75 3.07 7.38 -9.75
CA HIS A 75 3.05 8.78 -9.33
C HIS A 75 3.30 8.98 -7.84
N MET A 76 3.51 7.90 -7.07
CA MET A 76 3.62 8.03 -5.61
C MET A 76 4.77 8.92 -5.19
N THR A 77 5.84 8.98 -5.98
CA THR A 77 7.00 9.76 -5.61
C THR A 77 6.82 11.27 -5.85
N GLU A 78 5.78 11.69 -6.57
CA GLU A 78 5.59 13.11 -6.86
C GLU A 78 4.85 13.79 -5.72
N VAL A 79 5.36 14.94 -5.27
CA VAL A 79 4.71 15.69 -4.20
C VAL A 79 3.35 16.18 -4.67
N VAL A 80 2.30 15.90 -3.88
CA VAL A 80 0.97 16.44 -4.17
C VAL A 80 0.95 17.91 -3.79
N ARG A 81 0.63 18.77 -4.75
CA ARG A 81 0.63 20.21 -4.50
C ARG A 81 -0.48 20.86 -5.32
N ARG A 82 -0.81 22.10 -4.96
CA ARG A 82 -1.79 22.85 -5.74
C ARG A 82 -1.23 23.21 -7.11
N CYS A 83 -2.14 23.37 -8.07
CA CYS A 83 -1.79 23.56 -9.47
C CYS A 83 -1.23 24.96 -9.71
N PRO A 84 -0.62 25.19 -10.88
CA PRO A 84 0.00 26.50 -11.13
C PRO A 84 -0.96 27.68 -11.03
N HIS A 85 -2.26 27.45 -11.28
CA HIS A 85 -3.27 28.48 -11.10
C HIS A 85 -3.58 28.69 -9.62
N HIS A 86 -3.99 27.64 -8.92
CA HIS A 86 -4.53 27.85 -7.58
C HIS A 86 -3.44 28.24 -6.58
N GLU A 87 -2.19 27.85 -6.80
CA GLU A 87 -1.15 28.33 -5.90
C GLU A 87 -0.93 29.84 -6.00
N ARG A 88 -1.46 30.49 -7.04
CA ARG A 88 -1.28 31.92 -7.24
C ARG A 88 -2.57 32.72 -7.13
N CYS A 89 -3.64 32.16 -6.58
N CYS A 89 -3.61 32.13 -6.55
CA CYS A 89 -4.91 32.89 -6.63
CA CYS A 89 -4.96 32.73 -6.52
C CYS A 89 -5.20 33.66 -5.34
C CYS A 89 -5.15 33.73 -5.39
N SER A 90 -4.23 33.77 -4.43
CA SER A 90 -4.31 34.71 -3.30
C SER A 90 -5.56 34.46 -2.46
N ASP A 91 -5.91 33.18 -2.30
CA ASP A 91 -6.99 32.77 -1.41
C ASP A 91 -6.48 32.32 -0.05
N SER A 92 -5.35 32.86 0.39
CA SER A 92 -4.77 32.45 1.66
C SER A 92 -5.70 32.76 2.81
N ASP A 93 -5.62 31.95 3.86
CA ASP A 93 -6.35 32.19 5.09
C ASP A 93 -5.47 32.80 6.17
N GLY A 94 -4.28 33.25 5.80
CA GLY A 94 -3.33 33.80 6.73
C GLY A 94 -2.34 32.82 7.31
N LEU A 95 -2.64 31.53 7.27
CA LEU A 95 -1.83 30.49 7.89
C LEU A 95 -1.34 29.46 6.89
N ALA A 96 -2.21 28.99 6.02
CA ALA A 96 -1.83 27.93 5.09
C ALA A 96 -0.95 28.51 3.97
N PRO A 97 0.19 27.91 3.67
CA PRO A 97 0.93 28.35 2.50
C PRO A 97 0.11 28.11 1.26
N PRO A 98 0.22 28.99 0.25
CA PRO A 98 -0.64 28.88 -0.93
C PRO A 98 -0.43 27.62 -1.76
N GLN A 99 0.68 26.91 -1.56
CA GLN A 99 0.98 25.67 -2.28
C GLN A 99 0.23 24.44 -1.73
N HIS A 100 -0.25 24.50 -0.50
CA HIS A 100 -0.75 23.32 0.19
C HIS A 100 -2.15 22.98 -0.25
N LEU A 101 -2.34 21.73 -0.69
CA LEU A 101 -3.65 21.23 -1.08
C LEU A 101 -4.60 21.14 0.11
N ILE A 102 -4.12 20.62 1.26
CA ILE A 102 -4.99 20.34 2.41
C ILE A 102 -4.84 21.44 3.45
N ARG A 103 -5.97 22.04 3.84
CA ARG A 103 -5.98 23.00 4.94
C ARG A 103 -6.87 22.48 6.05
N VAL A 104 -6.63 22.96 7.26
CA VAL A 104 -7.55 22.77 8.37
C VAL A 104 -8.33 24.07 8.58
N GLU A 105 -9.64 23.95 8.65
CA GLU A 105 -10.54 25.07 8.84
C GLU A 105 -10.72 25.38 10.33
N GLY A 106 -10.62 26.65 10.69
CA GLY A 106 -11.04 27.10 12.01
C GLY A 106 -10.28 26.52 13.18
N ASN A 107 -8.97 26.35 13.05
CA ASN A 107 -8.15 25.88 14.17
C ASN A 107 -6.89 26.74 14.18
N LEU A 108 -6.81 27.67 15.12
CA LEU A 108 -5.67 28.59 15.14
C LEU A 108 -4.37 27.91 15.54
N ARG A 109 -4.43 26.70 16.10
CA ARG A 109 -3.23 25.94 16.42
C ARG A 109 -2.78 25.02 15.29
N ALA A 110 -3.41 25.12 14.11
CA ALA A 110 -2.93 24.37 12.97
C ALA A 110 -1.52 24.82 12.59
N GLU A 111 -0.66 23.86 12.22
CA GLU A 111 0.67 24.18 11.72
C GLU A 111 0.85 23.50 10.37
N TYR A 112 1.53 24.17 9.45
CA TYR A 112 1.74 23.67 8.10
C TYR A 112 3.21 23.36 7.91
N LEU A 113 3.51 22.11 7.55
CA LEU A 113 4.89 21.67 7.38
C LEU A 113 5.24 21.51 5.91
N ASP A 114 6.36 22.10 5.49
CA ASP A 114 7.05 21.73 4.26
C ASP A 114 8.28 20.94 4.66
N ASP A 115 8.26 19.63 4.40
CA ASP A 115 9.32 18.75 4.89
C ASP A 115 10.65 19.14 4.28
N ARG A 116 11.64 19.44 5.12
CA ARG A 116 12.94 19.87 4.64
C ARG A 116 13.63 18.80 3.79
N ASN A 117 13.22 17.54 3.92
CA ASN A 117 13.85 16.43 3.22
C ASN A 117 13.05 15.94 2.02
N THR A 118 11.77 15.63 2.21
CA THR A 118 10.93 15.09 1.15
C THR A 118 10.18 16.16 0.36
N PHE A 119 10.15 17.39 0.86
CA PHE A 119 9.40 18.50 0.27
C PHE A 119 7.90 18.26 0.30
N ARG A 120 7.44 17.23 0.99
CA ARG A 120 6.00 16.99 1.07
C ARG A 120 5.35 17.95 2.05
N HIS A 121 4.06 18.23 1.81
CA HIS A 121 3.28 19.16 2.61
C HIS A 121 2.38 18.40 3.58
N SER A 122 2.19 18.95 4.77
CA SER A 122 1.25 18.37 5.71
C SER A 122 0.72 19.46 6.62
N VAL A 123 -0.42 19.19 7.26
CA VAL A 123 -1.01 20.11 8.21
C VAL A 123 -1.30 19.32 9.48
N VAL A 124 -0.92 19.88 10.63
CA VAL A 124 -0.99 19.14 11.88
C VAL A 124 -1.69 20.02 12.94
N VAL A 125 -2.53 19.39 13.75
CA VAL A 125 -3.24 20.07 14.83
C VAL A 125 -3.08 19.26 16.10
N PRO A 126 -3.21 19.89 17.26
CA PRO A 126 -3.22 19.14 18.52
C PRO A 126 -4.45 18.25 18.60
N SER A 127 -4.25 17.03 19.10
CA SER A 127 -5.38 16.19 19.49
C SER A 127 -6.11 16.84 20.65
N GLU A 128 -7.44 16.82 20.60
CA GLU A 128 -8.28 17.40 21.64
C GLU A 128 -9.38 16.40 22.01
N PRO A 129 -9.80 16.35 23.27
CA PRO A 129 -10.94 15.50 23.64
C PRO A 129 -12.24 16.03 23.04
N PRO A 130 -13.25 15.18 22.88
CA PRO A 130 -14.53 15.65 22.33
C PRO A 130 -15.15 16.73 23.20
N GLU A 131 -15.96 17.59 22.57
CA GLU A 131 -16.72 18.56 23.34
C GLU A 131 -17.71 17.83 24.24
N VAL A 132 -18.04 18.45 25.37
CA VAL A 132 -18.97 17.83 26.30
C VAL A 132 -20.27 17.51 25.59
N GLY A 133 -20.69 16.25 25.66
CA GLY A 133 -21.88 15.79 24.98
C GLY A 133 -21.65 15.12 23.64
N SER A 134 -20.43 15.10 23.13
CA SER A 134 -20.11 14.38 21.90
C SER A 134 -19.24 13.17 22.19
N ASP A 135 -19.27 12.21 21.27
CA ASP A 135 -18.50 10.98 21.46
C ASP A 135 -17.19 10.95 20.69
N CYS A 136 -16.96 11.89 19.79
CA CYS A 136 -15.72 11.92 19.03
C CYS A 136 -15.31 13.36 18.79
N THR A 137 -14.11 13.51 18.24
CA THR A 137 -13.58 14.82 17.84
C THR A 137 -13.58 14.93 16.32
N THR A 138 -13.96 16.10 15.82
CA THR A 138 -14.06 16.34 14.39
C THR A 138 -13.03 17.38 13.97
N ILE A 139 -12.30 17.09 12.89
CA ILE A 139 -11.45 18.09 12.24
C ILE A 139 -12.12 18.44 10.92
N HIS A 140 -12.13 19.72 10.57
CA HIS A 140 -12.71 20.20 9.34
CA HIS A 140 -12.71 20.20 9.34
C HIS A 140 -11.59 20.50 8.34
N TYR A 141 -11.55 19.76 7.25
CA TYR A 141 -10.53 19.90 6.24
C TYR A 141 -11.10 20.58 5.00
N ASN A 142 -10.23 21.25 4.25
CA ASN A 142 -10.60 21.79 2.94
C ASN A 142 -9.58 21.29 1.94
N TYR A 143 -10.03 20.91 0.74
CA TYR A 143 -9.14 20.56 -0.36
C TYR A 143 -9.20 21.68 -1.39
N MET A 144 -8.03 22.25 -1.72
CA MET A 144 -7.95 23.56 -2.38
C MET A 144 -7.61 23.48 -3.87
N CYS A 145 -7.70 22.30 -4.48
CA CYS A 145 -7.61 22.10 -5.93
C CYS A 145 -8.58 21.01 -6.34
N TYR A 146 -9.00 21.03 -7.61
CA TYR A 146 -9.78 19.92 -8.15
C TYR A 146 -8.85 18.78 -8.53
N SER A 147 -9.38 17.55 -8.46
CA SER A 147 -8.60 16.41 -8.93
C SER A 147 -8.16 16.61 -10.37
N SER A 148 -8.97 17.32 -11.15
CA SER A 148 -8.73 17.49 -12.57
C SER A 148 -7.79 18.64 -12.92
N CYS A 149 -7.38 19.47 -11.95
CA CYS A 149 -6.62 20.69 -12.26
C CYS A 149 -5.40 20.41 -13.13
N MET A 150 -5.35 21.01 -14.32
CA MET A 150 -4.23 20.78 -15.21
C MET A 150 -2.94 21.35 -14.60
N GLY A 151 -1.83 20.68 -14.87
CA GLY A 151 -0.57 21.04 -14.25
C GLY A 151 -0.46 20.73 -12.78
N GLY A 152 -1.55 20.28 -12.14
CA GLY A 152 -1.49 19.87 -10.74
C GLY A 152 -1.83 18.41 -10.61
N MET A 153 -2.90 18.07 -9.88
CA MET A 153 -3.28 16.67 -9.78
C MET A 153 -3.58 16.07 -11.15
N ASN A 154 -4.12 16.86 -12.08
CA ASN A 154 -4.24 16.44 -13.49
C ASN A 154 -4.97 15.11 -13.65
N ARG A 155 -6.09 14.97 -12.92
CA ARG A 155 -6.99 13.83 -12.90
CA ARG A 155 -7.00 13.83 -12.90
C ARG A 155 -6.43 12.61 -12.17
N ARG A 156 -5.26 12.71 -11.54
CA ARG A 156 -4.71 11.55 -10.84
C ARG A 156 -5.32 11.42 -9.46
N PRO A 157 -5.80 10.24 -9.06
CA PRO A 157 -6.37 10.08 -7.73
CA PRO A 157 -6.37 10.08 -7.73
C PRO A 157 -5.32 10.21 -6.64
N ILE A 158 -5.75 10.72 -5.49
CA ILE A 158 -4.89 10.91 -4.33
C ILE A 158 -5.48 10.18 -3.13
N LEU A 159 -4.62 9.91 -2.15
CA LEU A 159 -5.06 9.47 -0.84
C LEU A 159 -4.72 10.54 0.19
N THR A 160 -5.56 10.67 1.22
CA THR A 160 -5.18 11.41 2.41
C THR A 160 -4.78 10.40 3.48
N ILE A 161 -3.64 10.63 4.11
CA ILE A 161 -3.14 9.81 5.23
C ILE A 161 -3.26 10.66 6.47
N ILE A 162 -3.97 10.16 7.47
CA ILE A 162 -4.08 10.81 8.77
C ILE A 162 -3.28 10.02 9.77
N THR A 163 -2.35 10.69 10.44
CA THR A 163 -1.50 10.03 11.43
C THR A 163 -1.75 10.63 12.80
N LEU A 164 -1.87 9.77 13.81
CA LEU A 164 -1.82 10.19 15.19
C LEU A 164 -0.35 10.09 15.62
N GLU A 165 0.19 11.17 16.20
CA GLU A 165 1.61 11.29 16.49
C GLU A 165 1.81 11.75 17.93
N ASP A 166 2.93 11.36 18.53
CA ASP A 166 3.27 11.93 19.83
C ASP A 166 3.93 13.30 19.63
N SER A 167 4.37 13.91 20.73
CA SER A 167 4.87 15.29 20.63
C SER A 167 6.20 15.40 19.88
N SER A 168 6.93 14.30 19.69
CA SER A 168 8.11 14.28 18.84
C SER A 168 7.81 14.00 17.37
N GLY A 169 6.57 13.65 17.05
CA GLY A 169 6.23 13.23 15.70
C GLY A 169 6.31 11.74 15.45
N ASN A 170 6.56 10.93 16.48
CA ASN A 170 6.58 9.48 16.33
C ASN A 170 5.17 8.94 16.11
N LEU A 171 5.10 7.85 15.35
CA LEU A 171 3.80 7.30 14.94
C LEU A 171 3.07 6.65 16.12
N LEU A 172 1.80 7.00 16.30
CA LEU A 172 0.93 6.31 17.25
C LEU A 172 -0.23 5.59 16.59
N GLY A 173 -0.68 6.07 15.44
CA GLY A 173 -1.78 5.46 14.72
C GLY A 173 -1.86 6.03 13.32
N ARG A 174 -2.52 5.28 12.43
CA ARG A 174 -2.60 5.69 11.03
C ARG A 174 -3.92 5.22 10.41
N ASP A 175 -4.53 6.08 9.59
CA ASP A 175 -5.67 5.72 8.76
C ASP A 175 -5.57 6.49 7.45
N SER A 176 -6.40 6.13 6.47
CA SER A 176 -6.31 6.78 5.16
C SER A 176 -7.62 6.62 4.39
N PHE A 177 -7.80 7.48 3.39
CA PHE A 177 -8.96 7.40 2.50
C PHE A 177 -8.59 8.07 1.18
N GLU A 178 -9.15 7.56 0.09
CA GLU A 178 -9.03 8.22 -1.20
C GLU A 178 -9.89 9.48 -1.22
N VAL A 179 -9.52 10.45 -2.06
CA VAL A 179 -10.27 11.70 -2.19
C VAL A 179 -10.41 12.05 -3.66
N ARG A 180 -11.61 12.48 -4.03
CA ARG A 180 -11.85 13.09 -5.33
C ARG A 180 -12.46 14.45 -5.06
N VAL A 181 -11.78 15.50 -5.52
CA VAL A 181 -12.30 16.86 -5.44
C VAL A 181 -12.91 17.17 -6.79
N CYS A 182 -14.21 17.45 -6.80
CA CYS A 182 -14.95 17.47 -8.07
C CYS A 182 -16.14 18.41 -7.94
N ALA A 183 -16.77 18.69 -9.08
CA ALA A 183 -17.88 19.63 -9.11
C ALA A 183 -19.16 19.04 -8.51
N CYS A 184 -19.41 17.74 -8.73
CA CYS A 184 -20.65 17.11 -8.28
C CYS A 184 -20.36 15.83 -7.50
N PRO A 185 -20.03 15.95 -6.21
CA PRO A 185 -19.69 14.77 -5.40
C PRO A 185 -20.80 13.73 -5.30
N GLY A 186 -22.06 14.16 -5.19
CA GLY A 186 -23.14 13.19 -5.08
C GLY A 186 -23.28 12.34 -6.33
N ARG A 187 -23.27 12.99 -7.50
CA ARG A 187 -23.35 12.26 -8.75
C ARG A 187 -22.15 11.35 -8.94
N ASP A 188 -20.95 11.83 -8.65
CA ASP A 188 -19.77 11.01 -8.89
C ASP A 188 -19.67 9.83 -7.92
N ARG A 189 -20.12 10.01 -6.67
CA ARG A 189 -20.14 8.87 -5.76
C ARG A 189 -21.11 7.80 -6.24
N ARG A 190 -22.28 8.20 -6.72
CA ARG A 190 -23.25 7.25 -7.26
C ARG A 190 -22.67 6.50 -8.46
N THR A 191 -21.97 7.22 -9.33
CA THR A 191 -21.38 6.60 -10.52
C THR A 191 -20.30 5.60 -10.14
N GLU A 192 -19.36 5.99 -9.30
CA GLU A 192 -18.26 5.10 -8.99
C GLU A 192 -18.72 3.89 -8.18
N GLU A 193 -19.76 4.05 -7.35
CA GLU A 193 -20.30 2.91 -6.62
C GLU A 193 -21.03 1.96 -7.55
N GLU A 194 -21.80 2.50 -8.51
CA GLU A 194 -22.42 1.66 -9.53
C GLU A 194 -21.36 0.89 -10.31
N ASN A 195 -20.32 1.58 -10.78
CA ASN A 195 -19.23 0.92 -11.49
C ASN A 195 -18.62 -0.19 -10.65
N LEU A 196 -18.49 0.02 -9.34
CA LEU A 196 -17.90 -1.00 -8.48
C LEU A 196 -18.77 -2.25 -8.42
N ARG A 197 -20.10 -2.08 -8.34
CA ARG A 197 -20.99 -3.24 -8.35
C ARG A 197 -21.04 -3.91 -9.71
N LYS A 198 -20.87 -3.13 -10.79
CA LYS A 198 -20.87 -3.70 -12.13
C LYS A 198 -19.47 -4.14 -12.54
N SER B 1 26.73 -15.69 -15.28
CA SER B 1 25.61 -16.37 -14.66
C SER B 1 25.81 -16.55 -13.15
N SER B 2 24.80 -17.12 -12.51
CA SER B 2 24.79 -17.27 -11.05
C SER B 2 24.41 -18.69 -10.67
N SER B 3 24.94 -19.16 -9.54
CA SER B 3 24.51 -20.42 -8.97
C SER B 3 23.01 -20.39 -8.69
N VAL B 4 22.41 -21.57 -8.60
CA VAL B 4 20.96 -21.71 -8.54
C VAL B 4 20.57 -22.03 -7.10
N PRO B 5 19.82 -21.17 -6.43
CA PRO B 5 19.34 -21.49 -5.08
C PRO B 5 18.41 -22.70 -5.10
N SER B 6 18.48 -23.49 -4.03
CA SER B 6 17.66 -24.69 -3.94
C SER B 6 16.19 -24.32 -3.89
N GLN B 7 15.35 -25.13 -4.53
CA GLN B 7 13.90 -25.01 -4.40
C GLN B 7 13.28 -26.19 -3.68
N LYS B 8 14.09 -27.03 -3.02
CA LYS B 8 13.58 -28.24 -2.40
C LYS B 8 12.75 -27.90 -1.16
N THR B 9 11.52 -28.42 -1.11
CA THR B 9 10.68 -28.26 0.07
C THR B 9 11.36 -28.88 1.28
N TYR B 10 11.33 -28.15 2.39
CA TYR B 10 12.07 -28.55 3.59
C TYR B 10 11.38 -27.89 4.79
N GLN B 11 10.60 -28.68 5.53
CA GLN B 11 9.84 -28.10 6.64
C GLN B 11 10.73 -27.72 7.81
N GLY B 12 11.84 -28.42 7.99
CA GLY B 12 12.76 -28.08 9.07
C GLY B 12 12.17 -28.39 10.43
N SER B 13 12.89 -27.96 11.46
CA SER B 13 12.53 -28.29 12.84
CA SER B 13 12.51 -28.33 12.82
C SER B 13 11.26 -27.60 13.30
N TYR B 14 10.87 -26.49 12.67
CA TYR B 14 9.67 -25.78 13.10
C TYR B 14 8.43 -26.15 12.32
N GLY B 15 8.53 -27.06 11.35
CA GLY B 15 7.35 -27.44 10.59
C GLY B 15 6.86 -26.34 9.67
N PHE B 16 7.78 -25.67 8.98
CA PHE B 16 7.46 -24.48 8.18
C PHE B 16 6.85 -24.83 6.84
N ARG B 17 5.73 -24.19 6.51
CA ARG B 17 5.16 -24.32 5.17
C ARG B 17 4.25 -23.13 4.88
N LEU B 18 3.92 -22.97 3.60
CA LEU B 18 3.08 -21.87 3.13
C LEU B 18 1.61 -22.25 3.10
N GLY B 19 0.77 -21.22 3.02
CA GLY B 19 -0.64 -21.39 2.76
C GLY B 19 -1.14 -20.25 1.90
N PHE B 20 -2.28 -20.47 1.26
CA PHE B 20 -2.86 -19.50 0.36
C PHE B 20 -4.36 -19.43 0.57
N LEU B 21 -4.93 -18.25 0.37
CA LEU B 21 -6.38 -18.08 0.43
C LEU B 21 -7.05 -18.85 -0.71
N HIS B 22 -8.37 -19.04 -0.59
CA HIS B 22 -9.18 -19.65 -1.64
C HIS B 22 -9.99 -18.52 -2.26
N SER B 23 -9.44 -17.95 -3.33
CA SER B 23 -9.97 -16.72 -3.90
C SER B 23 -10.87 -16.94 -5.11
N GLY B 24 -10.97 -18.17 -5.59
CA GLY B 24 -11.79 -18.44 -6.76
C GLY B 24 -11.18 -17.93 -8.06
N THR B 25 -11.97 -18.03 -9.13
CA THR B 25 -11.47 -17.74 -10.47
C THR B 25 -12.37 -16.76 -11.21
N ALA B 26 -13.11 -15.91 -10.49
CA ALA B 26 -13.90 -14.88 -11.13
C ALA B 26 -13.00 -13.97 -11.98
N LYS B 27 -13.54 -13.48 -13.09
CA LYS B 27 -12.76 -12.64 -13.99
C LYS B 27 -12.22 -11.40 -13.30
N SER B 28 -12.80 -10.99 -12.18
CA SER B 28 -12.36 -9.80 -11.47
C SER B 28 -11.32 -10.07 -10.38
N VAL B 29 -10.94 -11.32 -10.16
CA VAL B 29 -10.04 -11.62 -9.06
C VAL B 29 -8.64 -11.10 -9.38
N THR B 30 -7.96 -10.55 -8.38
CA THR B 30 -6.65 -9.95 -8.57
C THR B 30 -5.49 -10.88 -8.22
N CYS B 31 -5.77 -11.95 -7.45
CA CYS B 31 -4.76 -12.90 -7.06
C CYS B 31 -5.46 -14.20 -6.69
N THR B 32 -5.04 -15.31 -7.29
CA THR B 32 -5.66 -16.59 -6.97
C THR B 32 -4.61 -17.69 -7.09
N TYR B 33 -4.69 -18.67 -6.19
CA TYR B 33 -3.71 -19.74 -6.10
C TYR B 33 -4.33 -21.05 -6.56
N SER B 34 -3.59 -21.80 -7.36
CA SER B 34 -4.02 -23.12 -7.81
C SER B 34 -3.24 -24.22 -7.08
N PRO B 35 -3.86 -24.93 -6.14
CA PRO B 35 -3.17 -26.08 -5.52
C PRO B 35 -2.77 -27.15 -6.52
N ALA B 36 -3.60 -27.44 -7.51
CA ALA B 36 -3.28 -28.53 -8.45
C ALA B 36 -2.04 -28.19 -9.27
N LEU B 37 -1.77 -26.91 -9.50
CA LEU B 37 -0.60 -26.47 -10.25
C LEU B 37 0.54 -25.99 -9.35
N ASN B 38 0.29 -25.86 -8.05
CA ASN B 38 1.17 -25.11 -7.12
C ASN B 38 1.62 -23.79 -7.75
N LYS B 39 0.64 -22.99 -8.16
CA LYS B 39 0.92 -21.81 -8.96
C LYS B 39 0.01 -20.67 -8.56
N LEU B 40 0.63 -19.51 -8.31
CA LEU B 40 -0.08 -18.29 -7.95
C LEU B 40 -0.24 -17.42 -9.19
N PHE B 41 -1.47 -17.01 -9.49
CA PHE B 41 -1.76 -16.10 -10.59
C PHE B 41 -2.17 -14.76 -10.00
N CYS B 42 -1.52 -13.67 -10.44
CA CYS B 42 -1.80 -12.39 -9.82
C CYS B 42 -1.66 -11.26 -10.84
N GLN B 43 -2.28 -10.14 -10.53
CA GLN B 43 -2.17 -8.97 -11.38
C GLN B 43 -0.94 -8.16 -11.00
N LEU B 44 -0.54 -7.29 -11.93
CA LEU B 44 0.64 -6.45 -11.75
C LEU B 44 0.50 -5.55 -10.52
N ALA B 45 1.46 -5.66 -9.59
CA ALA B 45 1.58 -4.77 -8.44
C ALA B 45 0.38 -4.83 -7.50
N LYS B 46 -0.39 -5.91 -7.54
CA LYS B 46 -1.52 -6.07 -6.64
C LYS B 46 -1.12 -6.94 -5.45
N THR B 47 -1.89 -6.82 -4.37
CA THR B 47 -1.59 -7.54 -3.15
C THR B 47 -1.72 -9.04 -3.34
N CYS B 48 -0.66 -9.77 -2.98
CA CYS B 48 -0.64 -11.24 -2.99
C CYS B 48 -0.45 -11.74 -1.57
N PRO B 49 -1.51 -12.18 -0.90
CA PRO B 49 -1.36 -12.71 0.46
C PRO B 49 -0.75 -14.11 0.45
N VAL B 50 0.30 -14.29 1.24
CA VAL B 50 0.95 -15.58 1.41
C VAL B 50 0.96 -15.87 2.90
N GLN B 51 0.41 -17.02 3.29
CA GLN B 51 0.35 -17.42 4.69
C GLN B 51 1.62 -18.17 5.08
N LEU B 52 2.03 -17.96 6.33
CA LEU B 52 3.14 -18.69 6.94
C LEU B 52 2.61 -19.56 8.07
N TRP B 53 2.96 -20.85 8.05
CA TRP B 53 2.51 -21.80 9.07
C TRP B 53 3.72 -22.51 9.69
N VAL B 54 3.69 -22.68 11.01
CA VAL B 54 4.68 -23.48 11.71
C VAL B 54 3.97 -24.30 12.78
N ASP B 55 4.57 -25.45 13.12
CA ASP B 55 4.09 -26.29 14.21
C ASP B 55 4.61 -25.86 15.57
N SER B 56 5.73 -25.15 15.63
CA SER B 56 6.26 -24.66 16.89
C SER B 56 6.85 -23.26 16.71
N THR B 57 6.98 -22.55 17.83
CA THR B 57 7.37 -21.14 17.82
C THR B 57 8.84 -20.96 17.48
N PRO B 58 9.17 -20.22 16.43
CA PRO B 58 10.58 -19.93 16.14
C PRO B 58 11.12 -18.83 17.03
N PRO B 59 12.44 -18.70 17.13
CA PRO B 59 13.06 -17.73 18.06
C PRO B 59 12.89 -16.30 17.61
N PRO B 60 12.96 -15.34 18.54
CA PRO B 60 13.05 -13.94 18.16
C PRO B 60 14.21 -13.70 17.23
N GLY B 61 13.98 -12.91 16.19
CA GLY B 61 14.98 -12.64 15.18
C GLY B 61 14.94 -13.56 13.98
N THR B 62 14.08 -14.58 14.00
CA THR B 62 13.84 -15.38 12.80
C THR B 62 13.32 -14.46 11.70
N ARG B 63 13.70 -14.75 10.44
CA ARG B 63 13.31 -13.91 9.32
C ARG B 63 12.72 -14.76 8.20
N VAL B 64 12.05 -14.10 7.26
CA VAL B 64 11.35 -14.77 6.16
C VAL B 64 11.76 -14.07 4.87
N ARG B 65 12.37 -14.81 3.95
CA ARG B 65 12.94 -14.24 2.72
C ARG B 65 12.22 -14.78 1.50
N ALA B 66 12.01 -13.91 0.50
CA ALA B 66 11.44 -14.31 -0.78
C ALA B 66 12.42 -14.02 -1.92
N MET B 67 12.54 -14.98 -2.84
CA MET B 67 13.43 -14.85 -3.98
C MET B 67 12.78 -15.50 -5.18
N ALA B 68 12.93 -14.91 -6.37
CA ALA B 68 12.40 -15.51 -7.59
C ALA B 68 13.53 -16.17 -8.38
N ILE B 69 13.24 -17.33 -8.99
CA ILE B 69 14.14 -17.94 -9.96
C ILE B 69 13.33 -18.40 -11.16
N TYR B 70 14.00 -18.51 -12.31
CA TYR B 70 13.34 -19.09 -13.48
C TYR B 70 13.17 -20.58 -13.30
N LYS B 71 12.03 -21.09 -13.75
CA LYS B 71 11.69 -22.50 -13.56
C LYS B 71 12.42 -23.41 -14.55
N GLN B 72 12.58 -22.98 -15.80
CA GLN B 72 13.13 -23.84 -16.83
C GLN B 72 14.64 -23.99 -16.73
N SER B 73 15.12 -25.17 -17.11
CA SER B 73 16.53 -25.52 -16.97
C SER B 73 17.46 -24.52 -17.68
N GLN B 74 17.09 -24.09 -18.89
N GLN B 74 17.10 -24.08 -18.88
CA GLN B 74 17.92 -23.19 -19.67
CA GLN B 74 17.98 -23.19 -19.64
C GLN B 74 18.03 -21.81 -19.06
C GLN B 74 17.93 -21.75 -19.19
N HIS B 75 17.09 -21.41 -18.21
CA HIS B 75 17.02 -20.05 -17.70
C HIS B 75 17.32 -19.93 -16.22
N MET B 76 17.46 -21.03 -15.49
CA MET B 76 17.54 -20.93 -14.04
CA MET B 76 17.54 -20.95 -14.03
C MET B 76 18.81 -20.24 -13.55
N THR B 77 19.88 -20.22 -14.34
CA THR B 77 21.06 -19.49 -13.91
C THR B 77 20.95 -17.98 -14.15
N GLU B 78 19.89 -17.50 -14.80
CA GLU B 78 19.72 -16.08 -15.07
C GLU B 78 18.99 -15.40 -13.91
N VAL B 79 19.52 -14.27 -13.44
CA VAL B 79 18.88 -13.53 -12.37
C VAL B 79 17.53 -13.02 -12.83
N VAL B 80 16.49 -13.30 -12.05
CA VAL B 80 15.16 -12.75 -12.34
C VAL B 80 15.14 -11.28 -11.91
N ARG B 81 14.83 -10.38 -12.84
CA ARG B 81 14.83 -8.96 -12.56
C ARG B 81 13.71 -8.28 -13.35
N ARG B 82 13.42 -7.02 -12.99
CA ARG B 82 12.40 -6.30 -13.74
C ARG B 82 12.92 -5.92 -15.12
N CYS B 83 11.99 -5.70 -16.04
CA CYS B 83 12.30 -5.53 -17.45
C CYS B 83 12.91 -4.16 -17.68
N PRO B 84 13.47 -3.92 -18.87
CA PRO B 84 14.12 -2.63 -19.11
C PRO B 84 13.19 -1.45 -18.96
N HIS B 85 11.88 -1.64 -19.16
CA HIS B 85 10.95 -0.54 -18.95
C HIS B 85 10.65 -0.32 -17.47
N HIS B 86 10.18 -1.36 -16.78
CA HIS B 86 9.72 -1.15 -15.42
C HIS B 86 10.85 -0.78 -14.46
N GLU B 87 12.09 -1.24 -14.72
CA GLU B 87 13.19 -0.82 -13.86
C GLU B 87 13.47 0.68 -13.95
N ARG B 88 12.94 1.34 -14.98
CA ARG B 88 13.15 2.77 -15.18
C ARG B 88 11.88 3.60 -15.03
N CYS B 89 10.81 3.05 -14.47
N CYS B 89 10.83 3.03 -14.45
CA CYS B 89 9.57 3.83 -14.42
CA CYS B 89 9.53 3.70 -14.32
C CYS B 89 9.38 4.55 -13.09
C CYS B 89 9.43 4.64 -13.14
N SER B 90 10.41 4.62 -12.24
CA SER B 90 10.41 5.47 -11.04
C SER B 90 9.15 5.25 -10.20
N ASP B 91 8.84 3.98 -9.94
CA ASP B 91 7.74 3.59 -9.07
C ASP B 91 8.25 3.01 -7.76
N SER B 92 9.44 3.39 -7.32
CA SER B 92 9.98 2.86 -6.07
C SER B 92 9.21 3.41 -4.88
N ASP B 93 8.95 2.55 -3.91
CA ASP B 93 8.28 2.95 -2.67
C ASP B 93 9.23 3.58 -1.66
N GLY B 94 10.47 3.89 -2.07
CA GLY B 94 11.47 4.37 -1.16
C GLY B 94 12.33 3.30 -0.54
N LEU B 95 11.89 2.04 -0.57
CA LEU B 95 12.64 0.94 0.01
C LEU B 95 13.11 -0.05 -1.05
N ALA B 96 12.23 -0.45 -1.96
CA ALA B 96 12.60 -1.47 -2.93
C ALA B 96 13.46 -0.86 -4.04
N PRO B 97 14.63 -1.43 -4.33
CA PRO B 97 15.34 -1.01 -5.52
C PRO B 97 14.47 -1.20 -6.74
N PRO B 98 14.57 -0.32 -7.74
CA PRO B 98 13.68 -0.42 -8.89
C PRO B 98 13.88 -1.66 -9.72
N GLN B 99 15.01 -2.37 -9.56
CA GLN B 99 15.26 -3.60 -10.30
C GLN B 99 14.55 -4.81 -9.73
N HIS B 100 14.06 -4.76 -8.49
CA HIS B 100 13.53 -5.95 -7.82
C HIS B 100 12.11 -6.28 -8.26
N LEU B 101 11.91 -7.53 -8.70
CA LEU B 101 10.59 -7.99 -9.09
C LEU B 101 9.63 -8.08 -7.90
N ILE B 102 10.11 -8.59 -6.75
CA ILE B 102 9.25 -8.92 -5.60
C ILE B 102 9.39 -7.84 -4.55
N ARG B 103 8.28 -7.23 -4.15
CA ARG B 103 8.27 -6.30 -3.04
C ARG B 103 7.36 -6.84 -1.94
N VAL B 104 7.62 -6.39 -0.72
CA VAL B 104 6.72 -6.60 0.42
C VAL B 104 5.94 -5.32 0.64
N GLU B 105 4.62 -5.46 0.76
CA GLU B 105 3.70 -4.34 0.96
C GLU B 105 3.44 -4.15 2.44
N GLY B 106 3.50 -2.91 2.90
CA GLY B 106 3.06 -2.57 4.25
C GLY B 106 3.88 -3.14 5.39
N ASN B 107 5.20 -3.14 5.27
CA ASN B 107 6.06 -3.59 6.37
C ASN B 107 7.33 -2.74 6.32
N LEU B 108 7.43 -1.76 7.21
CA LEU B 108 8.60 -0.87 7.22
C LEU B 108 9.89 -1.57 7.61
N ARG B 109 9.84 -2.82 8.08
CA ARG B 109 11.04 -3.55 8.42
C ARG B 109 11.52 -4.46 7.28
N ALA B 110 10.89 -4.38 6.12
CA ALA B 110 11.39 -5.14 4.98
C ALA B 110 12.76 -4.61 4.53
N GLU B 111 13.67 -5.54 4.26
CA GLU B 111 14.98 -5.23 3.72
C GLU B 111 15.17 -5.94 2.38
N TYR B 112 15.88 -5.28 1.48
CA TYR B 112 16.07 -5.75 0.12
C TYR B 112 17.55 -6.02 -0.08
N LEU B 113 17.88 -7.22 -0.57
CA LEU B 113 19.27 -7.62 -0.74
C LEU B 113 19.60 -7.77 -2.21
N ASP B 114 20.71 -7.14 -2.66
CA ASP B 114 21.39 -7.53 -3.90
C ASP B 114 22.59 -8.38 -3.47
N ASP B 115 22.54 -9.68 -3.73
CA ASP B 115 23.57 -10.57 -3.21
C ASP B 115 24.92 -10.23 -3.85
N ARG B 116 25.95 -10.00 -3.01
CA ARG B 116 27.22 -9.52 -3.54
C ARG B 116 27.91 -10.53 -4.43
N ASN B 117 27.55 -11.81 -4.31
CA ASN B 117 28.20 -12.86 -5.09
C ASN B 117 27.37 -13.33 -6.27
N THR B 118 26.09 -13.66 -6.05
CA THR B 118 25.22 -14.18 -7.10
C THR B 118 24.45 -13.10 -7.84
N PHE B 119 24.42 -11.87 -7.32
CA PHE B 119 23.67 -10.75 -7.87
C PHE B 119 22.16 -10.97 -7.84
N ARG B 120 21.70 -12.03 -7.19
CA ARG B 120 20.26 -12.28 -7.14
C ARG B 120 19.61 -11.35 -6.13
N HIS B 121 18.32 -11.10 -6.33
CA HIS B 121 17.54 -10.19 -5.50
C HIS B 121 16.65 -10.95 -4.53
N SER B 122 16.47 -10.39 -3.35
CA SER B 122 15.50 -10.95 -2.41
C SER B 122 15.00 -9.86 -1.48
N VAL B 123 13.84 -10.11 -0.87
CA VAL B 123 13.30 -9.21 0.15
C VAL B 123 13.00 -10.04 1.41
N VAL B 124 13.41 -9.54 2.57
CA VAL B 124 13.32 -10.29 3.82
C VAL B 124 12.62 -9.44 4.88
N VAL B 125 11.76 -10.07 5.69
CA VAL B 125 11.10 -9.40 6.81
C VAL B 125 11.27 -10.23 8.07
N PRO B 126 11.10 -9.63 9.25
CA PRO B 126 11.14 -10.42 10.47
C PRO B 126 9.94 -11.35 10.55
N SER B 127 10.17 -12.55 11.05
CA SER B 127 9.05 -13.41 11.41
C SER B 127 8.30 -12.80 12.58
N GLU B 128 6.97 -12.85 12.53
CA GLU B 128 6.10 -12.30 13.55
C GLU B 128 5.02 -13.31 13.89
N PRO B 129 4.60 -13.39 15.15
CA PRO B 129 3.47 -14.28 15.49
C PRO B 129 2.18 -13.79 14.87
N PRO B 130 1.19 -14.68 14.70
CA PRO B 130 -0.10 -14.25 14.15
C PRO B 130 -0.73 -13.17 15.01
N GLU B 131 -1.48 -12.28 14.36
CA GLU B 131 -2.27 -11.29 15.08
C GLU B 131 -3.39 -11.98 15.85
N VAL B 132 -3.85 -11.33 16.92
CA VAL B 132 -4.90 -11.93 17.74
C VAL B 132 -6.11 -12.25 16.87
N GLY B 133 -6.66 -13.45 17.04
CA GLY B 133 -7.77 -13.88 16.21
C GLY B 133 -7.38 -14.51 14.89
N SER B 134 -6.09 -14.70 14.64
CA SER B 134 -5.64 -15.40 13.44
C SER B 134 -4.82 -16.61 13.85
N ASP B 135 -4.82 -17.63 13.00
CA ASP B 135 -4.04 -18.83 13.25
C ASP B 135 -2.70 -18.85 12.51
N CYS B 136 -2.47 -17.89 11.61
CA CYS B 136 -1.21 -17.87 10.87
C CYS B 136 -0.78 -16.43 10.65
N THR B 137 0.43 -16.28 10.14
CA THR B 137 0.96 -14.96 9.76
C THR B 137 0.91 -14.83 8.25
N THR B 138 0.53 -13.65 7.77
CA THR B 138 0.43 -13.36 6.35
C THR B 138 1.42 -12.27 5.97
N ILE B 139 2.13 -12.47 4.88
CA ILE B 139 2.95 -11.44 4.24
C ILE B 139 2.25 -11.05 2.95
N HIS B 140 2.21 -9.76 2.65
CA HIS B 140 1.64 -9.25 1.41
CA HIS B 140 1.64 -9.27 1.40
C HIS B 140 2.78 -8.97 0.43
N TYR B 141 2.83 -9.71 -0.67
CA TYR B 141 3.83 -9.51 -1.70
C TYR B 141 3.22 -8.79 -2.90
N ASN B 142 4.08 -8.06 -3.63
CA ASN B 142 3.70 -7.45 -4.90
C ASN B 142 4.71 -7.89 -5.93
N TYR B 143 4.24 -8.29 -7.10
CA TYR B 143 5.11 -8.61 -8.24
C TYR B 143 5.01 -7.46 -9.23
N MET B 144 6.18 -6.92 -9.62
CA MET B 144 6.21 -5.62 -10.28
C MET B 144 6.56 -5.69 -11.77
N CYS B 145 6.43 -6.87 -12.37
CA CYS B 145 6.48 -7.06 -13.81
C CYS B 145 5.48 -8.13 -14.23
N TYR B 146 4.95 -7.98 -15.44
CA TYR B 146 4.19 -9.06 -16.05
C TYR B 146 5.14 -10.20 -16.45
N SER B 147 4.61 -11.42 -16.39
CA SER B 147 5.39 -12.56 -16.87
C SER B 147 5.81 -12.37 -18.33
N SER B 148 5.01 -11.64 -19.10
CA SER B 148 5.27 -11.42 -20.52
C SER B 148 6.21 -10.26 -20.82
N CYS B 149 6.64 -9.48 -19.82
CA CYS B 149 7.38 -8.24 -20.12
C CYS B 149 8.59 -8.50 -21.02
N MET B 150 8.64 -7.85 -22.17
CA MET B 150 9.75 -8.10 -23.08
C MET B 150 11.04 -7.52 -22.50
N GLY B 151 12.16 -8.20 -22.73
CA GLY B 151 13.41 -7.83 -22.11
C GLY B 151 13.56 -8.24 -20.67
N GLY B 152 12.49 -8.69 -20.02
CA GLY B 152 12.57 -9.16 -18.65
C GLY B 152 12.21 -10.63 -18.59
N MET B 153 11.17 -10.98 -17.84
CA MET B 153 10.77 -12.38 -17.77
C MET B 153 10.44 -12.94 -19.17
N ASN B 154 9.84 -12.12 -20.04
CA ASN B 154 9.66 -12.48 -21.46
C ASN B 154 8.98 -13.83 -21.65
N ARG B 155 7.87 -14.02 -20.94
CA ARG B 155 7.01 -15.21 -20.98
C ARG B 155 7.64 -16.43 -20.31
N ARG B 156 8.79 -16.27 -19.64
CA ARG B 156 9.39 -17.44 -18.99
C ARG B 156 8.82 -17.62 -17.60
N PRO B 157 8.36 -18.81 -17.23
CA PRO B 157 7.80 -18.99 -15.88
C PRO B 157 8.86 -18.89 -14.80
N ILE B 158 8.44 -18.34 -13.66
CA ILE B 158 9.30 -18.23 -12.48
C ILE B 158 8.70 -19.00 -11.32
N LEU B 159 9.57 -19.30 -10.35
CA LEU B 159 9.16 -19.78 -9.04
C LEU B 159 9.55 -18.74 -8.00
N THR B 160 8.73 -18.57 -6.97
CA THR B 160 9.14 -17.87 -5.75
C THR B 160 9.53 -18.90 -4.71
N ILE B 161 10.72 -18.72 -4.13
CA ILE B 161 11.21 -19.54 -3.02
C ILE B 161 11.08 -18.72 -1.76
N ILE B 162 10.35 -19.24 -0.76
CA ILE B 162 10.25 -18.61 0.56
C ILE B 162 11.08 -19.42 1.54
N THR B 163 12.00 -18.75 2.23
CA THR B 163 12.86 -19.41 3.20
C THR B 163 12.66 -18.81 4.58
N LEU B 164 12.54 -19.67 5.58
CA LEU B 164 12.62 -19.27 6.97
C LEU B 164 14.08 -19.37 7.37
N GLU B 165 14.62 -18.28 7.94
CA GLU B 165 16.05 -18.15 8.25
C GLU B 165 16.22 -17.74 9.70
N ASP B 166 17.35 -18.15 10.30
CA ASP B 166 17.66 -17.59 11.62
C ASP B 166 18.29 -16.20 11.43
N SER B 167 18.71 -15.58 12.54
CA SER B 167 19.17 -14.20 12.47
C SER B 167 20.48 -14.03 11.69
N SER B 168 21.24 -15.12 11.49
CA SER B 168 22.44 -15.08 10.66
C SER B 168 22.17 -15.33 9.18
N GLY B 169 20.93 -15.68 8.83
CA GLY B 169 20.62 -16.10 7.47
C GLY B 169 20.71 -17.60 7.21
N ASN B 170 20.97 -18.42 8.24
CA ASN B 170 21.02 -19.87 8.04
C ASN B 170 19.63 -20.44 7.82
N LEU B 171 19.56 -21.46 6.98
CA LEU B 171 18.27 -22.03 6.58
C LEU B 171 17.56 -22.72 7.75
N LEU B 172 16.28 -22.40 7.95
CA LEU B 172 15.44 -23.16 8.87
C LEU B 172 14.33 -23.93 8.16
N GLY B 173 13.85 -23.43 7.03
CA GLY B 173 12.78 -24.07 6.29
C GLY B 173 12.63 -23.43 4.93
N ARG B 174 11.99 -24.17 4.02
CA ARG B 174 11.91 -23.73 2.63
C ARG B 174 10.62 -24.23 1.99
N ASP B 175 10.02 -23.39 1.16
CA ASP B 175 8.83 -23.77 0.39
C ASP B 175 8.87 -22.93 -0.88
N SER B 176 8.03 -23.28 -1.85
CA SER B 176 8.09 -22.55 -3.11
C SER B 176 6.77 -22.72 -3.85
N PHE B 177 6.54 -21.82 -4.82
CA PHE B 177 5.37 -21.89 -5.68
C PHE B 177 5.69 -21.19 -6.99
N GLU B 178 5.05 -21.65 -8.06
CA GLU B 178 5.18 -20.98 -9.35
C GLU B 178 4.31 -19.73 -9.35
N VAL B 179 4.69 -18.74 -10.17
CA VAL B 179 3.97 -17.47 -10.24
C VAL B 179 3.77 -17.10 -11.70
N ARG B 180 2.56 -16.66 -12.04
CA ARG B 180 2.27 -15.97 -13.30
C ARG B 180 1.68 -14.61 -12.97
N VAL B 181 2.31 -13.55 -13.44
CA VAL B 181 1.79 -12.20 -13.31
C VAL B 181 1.11 -11.86 -14.63
N CYS B 182 -0.20 -11.66 -14.60
CA CYS B 182 -0.97 -11.57 -15.84
C CYS B 182 -2.15 -10.63 -15.64
N ALA B 183 -2.83 -10.33 -16.75
CA ALA B 183 -3.95 -9.39 -16.73
C ALA B 183 -5.21 -9.99 -16.10
N CYS B 184 -5.51 -11.26 -16.40
CA CYS B 184 -6.73 -11.90 -15.91
C CYS B 184 -6.35 -13.20 -15.21
N PRO B 185 -5.94 -13.12 -13.94
CA PRO B 185 -5.56 -14.34 -13.21
C PRO B 185 -6.65 -15.39 -13.14
N GLY B 186 -7.91 -14.98 -12.94
CA GLY B 186 -8.99 -15.95 -12.85
C GLY B 186 -9.17 -16.73 -14.14
N ARG B 187 -9.19 -16.03 -15.26
CA ARG B 187 -9.29 -16.70 -16.55
C ARG B 187 -8.11 -17.63 -16.80
N ASP B 188 -6.90 -17.17 -16.50
CA ASP B 188 -5.71 -17.97 -16.80
C ASP B 188 -5.60 -19.18 -15.87
N ARG B 189 -5.94 -19.02 -14.58
CA ARG B 189 -5.98 -20.19 -13.72
C ARG B 189 -6.95 -21.22 -14.29
N ARG B 190 -8.16 -20.79 -14.63
CA ARG B 190 -9.16 -21.70 -15.21
C ARG B 190 -8.61 -22.41 -16.44
N THR B 191 -7.98 -21.66 -17.34
CA THR B 191 -7.43 -22.25 -18.55
C THR B 191 -6.36 -23.29 -18.24
N GLU B 192 -5.36 -22.90 -17.44
CA GLU B 192 -4.26 -23.83 -17.17
C GLU B 192 -4.74 -25.03 -16.38
N GLU B 193 -5.76 -24.87 -15.54
CA GLU B 193 -6.28 -26.03 -14.81
C GLU B 193 -7.06 -26.93 -15.77
N GLU B 194 -7.80 -26.34 -16.70
CA GLU B 194 -8.45 -27.13 -17.74
C GLU B 194 -7.43 -27.96 -18.51
N ASN B 195 -6.38 -27.29 -19.01
CA ASN B 195 -5.30 -27.98 -19.72
C ASN B 195 -4.77 -29.16 -18.91
N LEU B 196 -4.66 -28.99 -17.59
CA LEU B 196 -4.16 -30.06 -16.75
C LEU B 196 -5.15 -31.23 -16.75
ZN ZN C . -6.01 23.82 -8.97
C4 LEK D . -13.03 9.64 20.76
C5 LEK D . -13.14 9.33 22.11
C6 LEK D . -14.13 8.28 22.56
N1 LEK D . -15.38 8.85 23.08
C7 LEK D . -16.35 7.82 23.46
C8 LEK D . -12.29 9.95 23.02
N2 LEK D . -5.95 14.41 23.21
C9 LEK D . -11.33 10.86 22.60
C10 LEK D . -10.27 11.60 23.26
C11 LEK D . -9.83 11.72 24.57
C12 LEK D . -8.73 12.52 24.86
C13 LEK D . -8.04 13.20 23.85
C14 LEK D . -6.86 14.01 24.17
C15 LEK D . -6.53 14.42 25.43
C3 LEK D . -12.08 10.55 20.30
C2 LEK D . -11.22 11.15 21.22
C18 LEK D . -9.57 12.29 22.24
N LEK D . -10.15 12.00 21.01
C1 LEK D . -9.69 12.48 19.71
C LEK D . -8.56 11.65 19.16
C17 LEK D . -8.46 13.08 22.52
C16 LEK D . -4.96 15.09 23.70
S LEK D . -5.06 15.29 25.40
ZN ZN E . 8.10 -5.18 -16.81
C4 LEK F . 1.50 -20.14 12.55
C5 LEK F . 1.41 -20.48 13.91
C6 LEK F . 0.42 -21.54 14.36
N1 LEK F . -0.80 -20.96 14.93
C7 LEK F . -1.78 -22.01 15.23
C8 LEK F . 2.26 -19.88 14.83
N2 LEK F . 8.44 -15.19 15.09
C9 LEK F . 3.22 -18.96 14.40
C10 LEK F . 4.27 -18.21 15.07
C11 LEK F . 4.68 -18.09 16.39
C12 LEK F . 5.76 -17.27 16.69
C13 LEK F . 6.43 -16.56 15.69
C14 LEK F . 7.57 -15.68 16.05
C15 LEK F . 7.88 -15.29 17.32
C3 LEK F . 2.45 -19.23 12.11
C2 LEK F . 3.32 -18.66 13.03
C18 LEK F . 4.95 -17.50 14.07
N LEK F . 4.37 -17.78 12.83
C1 LEK F . 4.84 -17.28 11.55
C LEK F . 5.98 -18.11 11.00
C17 LEK F . 6.03 -16.67 14.37
C16 LEK F . 9.37 -14.46 15.60
S LEK F . 9.28 -14.30 17.30
C1 GOL G . 23.25 -6.31 -8.52
O1 GOL G . 23.50 -7.29 -7.53
C2 GOL G . 21.81 -6.35 -8.98
O2 GOL G . 21.52 -7.59 -9.66
C3 GOL G . 21.45 -5.17 -9.85
O3 GOL G . 20.06 -5.14 -10.15
#